data_3N0A
#
_entry.id   3N0A
#
_cell.length_a   137.925
_cell.length_b   137.925
_cell.length_c   51.327
_cell.angle_alpha   90.00
_cell.angle_beta   90.00
_cell.angle_gamma   120.00
#
_symmetry.space_group_name_H-M   'P 32 2 1'
#
loop_
_entity.id
_entity.type
_entity.pdbx_description
1 polymer 'Tyrosine-protein phosphatase auxilin'
2 non-polymer 'CALCIUM ION'
3 non-polymer 'CHLORIDE ION'
4 water water
#
_entity_poly.entity_id   1
_entity_poly.type   'polypeptide(L)'
_entity_poly.pdbx_seq_one_letter_code
;DTLKDTSSRVIQSVTSYTKGDLDFTYVTSRIIVMSFPLDSVDIGFRNQVDDIRSFLDSRHLDHYTVYNLSPKSYRTAKFH
SRVSECSWPIRQAPSLHNLFAVCRNMYNWLLQNPKNVCVVHCLDGRAASSILVGAMFIFCNLYSTPGPAVRLLYAKRPGI
GLSPSHRRYLGYMCDLLADKPYRPHFKPLTIKSITVSPVPFFNKQRNGCRPYCDVLIGETKIYTTCADFERMKEYRVQDG
KIFIPLSITVQGDVVVSMYHLRSTIGSRLQAKVTNTQIFQLQFHTGFIPLDTTVLKFTKPELDACDVPEKYPQLFQVTLD
VELQPHDKVMELTPPWEHYCTKDVNPSILFSSHQEHQDTLV
;
_entity_poly.pdbx_strand_id   A
#
loop_
_chem_comp.id
_chem_comp.type
_chem_comp.name
_chem_comp.formula
CA non-polymer 'CALCIUM ION' 'Ca 2'
CL non-polymer 'CHLORIDE ION' 'Cl -1'
#
# COMPACT_ATOMS: atom_id res chain seq x y z
N VAL A 14 -7.71 -12.30 20.32
CA VAL A 14 -6.59 -12.56 19.42
C VAL A 14 -6.19 -14.04 19.44
N THR A 15 -6.69 -14.80 18.46
CA THR A 15 -6.41 -16.23 18.35
C THR A 15 -5.32 -16.54 17.33
N SER A 16 -4.12 -16.82 17.80
CA SER A 16 -2.98 -17.13 16.93
C SER A 16 -2.50 -18.57 17.07
N TYR A 17 -2.01 -19.12 15.96
CA TYR A 17 -1.41 -20.45 15.95
C TYR A 17 -0.07 -20.42 15.22
N THR A 18 0.85 -21.28 15.64
CA THR A 18 2.13 -21.41 14.97
C THR A 18 2.48 -22.87 14.75
N LYS A 19 2.59 -23.27 13.49
CA LYS A 19 2.99 -24.63 13.15
C LYS A 19 4.48 -24.79 13.41
N GLY A 20 5.24 -23.77 13.00
CA GLY A 20 6.68 -23.71 13.23
C GLY A 20 7.18 -22.32 12.91
N ASP A 21 7.66 -22.14 11.69
CA ASP A 21 8.03 -20.82 11.19
C ASP A 21 6.78 -19.99 10.94
N LEU A 22 5.70 -20.67 10.56
CA LEU A 22 4.46 -20.02 10.14
C LEU A 22 3.61 -19.52 11.30
N ASP A 23 2.94 -18.40 11.09
CA ASP A 23 2.01 -17.86 12.07
C ASP A 23 0.61 -17.64 11.46
N PHE A 24 -0.37 -18.37 11.98
CA PHE A 24 -1.77 -18.25 11.54
C PHE A 24 -2.60 -17.46 12.55
N THR A 25 -2.96 -16.23 12.20
CA THR A 25 -3.82 -15.43 13.06
C THR A 25 -5.26 -15.35 12.53
N TYR A 26 -6.22 -15.89 13.28
CA TYR A 26 -7.61 -15.74 12.90
C TYR A 26 -8.11 -14.35 13.31
N VAL A 27 -8.04 -13.41 12.38
CA VAL A 27 -8.62 -12.08 12.62
C VAL A 27 -10.12 -12.25 12.89
N THR A 28 -10.77 -13.07 12.08
CA THR A 28 -12.09 -13.60 12.42
C THR A 28 -12.01 -15.10 12.17
N SER A 29 -13.09 -15.82 12.43
CA SER A 29 -13.07 -17.25 12.15
C SER A 29 -12.98 -17.51 10.63
N ARG A 30 -13.27 -16.51 9.82
CA ARG A 30 -13.29 -16.72 8.37
C ARG A 30 -12.17 -15.97 7.64
N ILE A 31 -11.43 -15.14 8.37
CA ILE A 31 -10.35 -14.35 7.77
C ILE A 31 -9.07 -14.65 8.51
N ILE A 32 -8.19 -15.40 7.86
CA ILE A 32 -6.95 -15.83 8.47
C ILE A 32 -5.77 -15.13 7.84
N VAL A 33 -4.85 -14.64 8.66
CA VAL A 33 -3.61 -14.07 8.16
C VAL A 33 -2.47 -15.03 8.44
N MET A 34 -1.73 -15.37 7.39
CA MET A 34 -0.64 -16.33 7.49
C MET A 34 0.69 -15.61 7.27
N SER A 35 1.64 -15.81 8.18
CA SER A 35 2.92 -15.11 8.15
C SER A 35 4.10 -15.98 7.69
N PHE A 36 4.84 -15.49 6.70
CA PHE A 36 5.98 -16.20 6.09
C PHE A 36 5.87 -17.72 6.13
N VAL A 49 5.48 -24.28 3.82
CA VAL A 49 5.10 -24.67 2.46
C VAL A 49 4.19 -25.88 2.50
N ASP A 50 4.77 -27.05 2.76
CA ASP A 50 3.98 -28.26 2.90
C ASP A 50 3.21 -28.21 4.22
N ASP A 51 3.75 -27.44 5.16
CA ASP A 51 3.11 -27.22 6.46
C ASP A 51 1.89 -26.30 6.33
N ILE A 52 2.00 -25.31 5.45
CA ILE A 52 0.86 -24.46 5.11
C ILE A 52 -0.32 -25.36 4.80
N ARG A 53 -0.12 -26.21 3.81
CA ARG A 53 -1.11 -27.17 3.38
C ARG A 53 -1.57 -28.04 4.55
N SER A 54 -0.62 -28.58 5.30
CA SER A 54 -0.95 -29.47 6.41
C SER A 54 -1.97 -28.85 7.38
N PHE A 55 -1.63 -27.68 7.91
CA PHE A 55 -2.50 -26.98 8.85
C PHE A 55 -3.90 -26.71 8.29
N LEU A 56 -3.95 -26.17 7.08
CA LEU A 56 -5.22 -25.73 6.49
C LEU A 56 -6.11 -26.88 6.06
N ASP A 57 -5.51 -27.97 5.59
CA ASP A 57 -6.27 -29.15 5.23
C ASP A 57 -6.92 -29.80 6.45
N SER A 58 -6.22 -29.74 7.58
CA SER A 58 -6.75 -30.38 8.79
C SER A 58 -7.91 -29.57 9.36
N ARG A 59 -7.87 -28.25 9.14
CA ARG A 59 -8.84 -27.34 9.73
C ARG A 59 -9.94 -26.87 8.77
N HIS A 60 -9.63 -26.86 7.47
CA HIS A 60 -10.54 -26.28 6.49
C HIS A 60 -10.50 -26.98 5.14
N LEU A 61 -10.37 -28.31 5.16
CA LEU A 61 -10.24 -29.09 3.91
C LEU A 61 -11.28 -28.68 2.88
N ASP A 62 -10.82 -28.42 1.66
CA ASP A 62 -11.68 -28.10 0.52
C ASP A 62 -12.39 -26.75 0.64
N HIS A 63 -12.13 -26.02 1.72
CA HIS A 63 -12.83 -24.75 1.97
C HIS A 63 -11.95 -23.56 2.28
N TYR A 64 -10.76 -23.52 1.72
CA TYR A 64 -9.94 -22.34 1.86
C TYR A 64 -9.39 -21.89 0.53
N THR A 65 -9.19 -20.59 0.41
CA THR A 65 -8.42 -20.04 -0.69
C THR A 65 -7.31 -19.18 -0.11
N VAL A 66 -6.10 -19.35 -0.62
CA VAL A 66 -5.01 -18.49 -0.22
C VAL A 66 -4.86 -17.30 -1.18
N TYR A 67 -4.97 -16.10 -0.63
CA TYR A 67 -4.75 -14.89 -1.42
C TYR A 67 -3.32 -14.46 -1.19
N ASN A 68 -2.43 -15.01 -2.01
CA ASN A 68 -1.00 -14.70 -1.96
C ASN A 68 -0.72 -13.29 -2.50
N LEU A 69 -0.38 -12.38 -1.60
CA LEU A 69 -0.11 -10.99 -1.97
C LEU A 69 1.35 -10.78 -2.39
N SER A 70 2.22 -11.75 -2.11
CA SER A 70 3.63 -11.64 -2.48
C SER A 70 3.78 -11.64 -3.99
N PRO A 71 4.82 -10.95 -4.49
CA PRO A 71 5.09 -10.98 -5.93
C PRO A 71 5.57 -12.37 -6.34
N LYS A 72 6.25 -13.06 -5.43
CA LYS A 72 6.75 -14.41 -5.70
C LYS A 72 5.72 -15.49 -5.35
N SER A 73 5.45 -16.38 -6.29
CA SER A 73 4.28 -17.27 -6.23
C SER A 73 4.53 -18.66 -5.64
N TYR A 74 3.48 -19.49 -5.68
CA TYR A 74 3.56 -20.90 -5.32
C TYR A 74 3.31 -21.75 -6.56
N ARG A 75 4.20 -21.67 -7.53
CA ARG A 75 4.03 -22.43 -8.77
C ARG A 75 4.21 -23.94 -8.53
N THR A 76 5.32 -24.30 -7.89
CA THR A 76 5.70 -25.70 -7.73
C THR A 76 5.14 -26.34 -6.45
N ALA A 77 4.04 -25.79 -5.93
CA ALA A 77 3.47 -26.25 -4.66
C ALA A 77 2.54 -27.47 -4.81
N LYS A 78 1.77 -27.52 -5.89
CA LYS A 78 0.78 -28.58 -6.12
C LYS A 78 -0.45 -28.38 -5.23
N PHE A 79 -0.33 -27.46 -4.29
CA PHE A 79 -1.48 -26.99 -3.52
C PHE A 79 -1.83 -25.61 -4.10
N HIS A 80 -1.13 -25.26 -5.17
CA HIS A 80 -1.32 -24.01 -5.92
C HIS A 80 -2.75 -23.85 -6.45
N SER A 81 -3.45 -24.97 -6.61
CA SER A 81 -4.83 -24.93 -7.08
C SER A 81 -5.72 -24.16 -6.12
N ARG A 82 -5.20 -23.88 -4.94
CA ARG A 82 -5.96 -23.18 -3.90
C ARG A 82 -5.45 -21.75 -3.70
N VAL A 83 -4.49 -21.35 -4.54
CA VAL A 83 -3.85 -20.06 -4.39
C VAL A 83 -4.23 -19.08 -5.49
N SER A 84 -4.75 -17.93 -5.10
CA SER A 84 -4.95 -16.82 -6.01
C SER A 84 -3.70 -15.93 -5.98
N GLU A 85 -2.96 -15.85 -7.08
CA GLU A 85 -1.72 -15.09 -7.10
C GLU A 85 -2.01 -13.62 -7.38
N CYS A 86 -2.11 -12.82 -6.33
CA CYS A 86 -2.53 -11.43 -6.47
C CYS A 86 -1.37 -10.54 -6.95
N SER A 87 -0.16 -10.96 -6.61
CA SER A 87 1.07 -10.28 -6.99
C SER A 87 1.00 -8.77 -6.74
N TRP A 88 1.00 -8.39 -5.47
CA TRP A 88 1.00 -6.98 -5.11
C TRP A 88 2.41 -6.44 -5.00
N PRO A 89 2.57 -5.11 -5.04
CA PRO A 89 3.90 -4.49 -4.88
C PRO A 89 4.51 -4.87 -3.53
N ILE A 90 5.83 -5.05 -3.50
CA ILE A 90 6.52 -5.47 -2.28
C ILE A 90 6.41 -4.50 -1.11
N ARG A 91 6.54 -3.20 -1.37
CA ARG A 91 6.55 -2.22 -0.29
C ARG A 91 5.38 -1.23 -0.30
N GLN A 92 4.92 -0.87 -1.49
CA GLN A 92 3.88 0.16 -1.61
C GLN A 92 2.46 -0.42 -1.54
N ALA A 93 1.51 0.41 -1.15
CA ALA A 93 0.11 0.04 -1.17
C ALA A 93 -0.26 -0.36 -2.60
N PRO A 94 -1.14 -1.36 -2.73
CA PRO A 94 -1.52 -1.78 -4.08
C PRO A 94 -2.44 -0.73 -4.71
N SER A 95 -2.57 -0.75 -6.03
CA SER A 95 -3.49 0.17 -6.69
C SER A 95 -4.89 -0.07 -6.14
N LEU A 96 -5.69 0.98 -6.11
CA LEU A 96 -7.03 0.90 -5.54
C LEU A 96 -7.88 -0.16 -6.26
N HIS A 97 -7.74 -0.20 -7.58
CA HIS A 97 -8.41 -1.20 -8.42
C HIS A 97 -8.16 -2.61 -7.90
N ASN A 98 -6.90 -2.94 -7.61
CA ASN A 98 -6.55 -4.28 -7.13
C ASN A 98 -7.00 -4.53 -5.70
N LEU A 99 -6.92 -3.52 -4.86
CA LEU A 99 -7.37 -3.65 -3.48
C LEU A 99 -8.86 -3.99 -3.46
N PHE A 100 -9.62 -3.30 -4.29
CA PHE A 100 -11.05 -3.50 -4.38
C PHE A 100 -11.38 -4.86 -5.00
N ALA A 101 -10.68 -5.21 -6.06
CA ALA A 101 -10.93 -6.46 -6.77
C ALA A 101 -10.69 -7.68 -5.86
N VAL A 102 -9.62 -7.66 -5.08
CA VAL A 102 -9.34 -8.77 -4.17
C VAL A 102 -10.42 -8.89 -3.09
N CYS A 103 -10.82 -7.78 -2.49
CA CYS A 103 -11.93 -7.78 -1.51
C CYS A 103 -13.17 -8.45 -2.09
N ARG A 104 -13.52 -8.11 -3.32
CA ARG A 104 -14.71 -8.66 -3.95
C ARG A 104 -14.57 -10.17 -4.19
N ASN A 105 -13.41 -10.58 -4.68
CA ASN A 105 -13.14 -12.00 -4.82
C ASN A 105 -13.25 -12.75 -3.48
N MET A 106 -12.70 -12.16 -2.42
CA MET A 106 -12.79 -12.78 -1.09
C MET A 106 -14.24 -12.89 -0.65
N TYR A 107 -14.99 -11.83 -0.88
CA TYR A 107 -16.42 -11.80 -0.54
C TYR A 107 -17.19 -12.92 -1.27
N ASN A 108 -16.97 -13.03 -2.58
CA ASN A 108 -17.62 -14.05 -3.39
C ASN A 108 -17.27 -15.44 -2.89
N TRP A 109 -16.04 -15.62 -2.42
CA TRP A 109 -15.57 -16.92 -1.96
C TRP A 109 -16.29 -17.25 -0.66
N LEU A 110 -16.38 -16.26 0.22
CA LEU A 110 -17.10 -16.41 1.46
C LEU A 110 -18.59 -16.70 1.21
N LEU A 111 -19.14 -16.11 0.17
CA LEU A 111 -20.56 -16.28 -0.12
C LEU A 111 -20.84 -17.68 -0.65
N GLN A 112 -19.84 -18.30 -1.27
CA GLN A 112 -20.06 -19.52 -2.02
C GLN A 112 -20.39 -20.73 -1.15
N ASN A 113 -19.93 -20.70 0.10
CA ASN A 113 -20.15 -21.82 1.02
C ASN A 113 -19.82 -21.33 2.44
N PRO A 114 -20.73 -21.57 3.39
CA PRO A 114 -20.53 -21.04 4.73
C PRO A 114 -19.28 -21.60 5.43
N LYS A 115 -18.72 -22.70 4.94
CA LYS A 115 -17.49 -23.24 5.52
C LYS A 115 -16.23 -22.57 4.97
N ASN A 116 -16.38 -21.74 3.94
CA ASN A 116 -15.24 -21.13 3.30
C ASN A 116 -14.51 -20.12 4.18
N VAL A 117 -13.19 -20.14 4.11
CA VAL A 117 -12.39 -19.14 4.79
C VAL A 117 -11.35 -18.58 3.82
N CYS A 118 -10.96 -17.33 4.05
CA CYS A 118 -9.91 -16.69 3.28
C CYS A 118 -8.61 -16.68 4.06
N VAL A 119 -7.53 -17.08 3.40
CA VAL A 119 -6.22 -17.05 4.02
C VAL A 119 -5.38 -16.01 3.31
N VAL A 120 -5.03 -14.95 4.02
CA VAL A 120 -4.24 -13.90 3.42
C VAL A 120 -2.76 -14.11 3.70
N HIS A 121 -1.94 -14.05 2.66
CA HIS A 121 -0.49 -14.21 2.82
C HIS A 121 0.31 -13.12 2.11
N CYS A 122 1.29 -12.56 2.81
CA CYS A 122 2.29 -11.71 2.16
C CYS A 122 3.70 -12.02 2.66
N LEU A 123 4.69 -11.45 1.98
CA LEU A 123 6.11 -11.72 2.26
C LEU A 123 6.46 -11.65 3.75
N ASP A 124 6.23 -10.47 4.33
CA ASP A 124 6.57 -10.14 5.71
C ASP A 124 6.78 -8.64 5.66
N GLY A 125 6.71 -8.10 4.44
CA GLY A 125 6.37 -6.71 4.23
C GLY A 125 4.92 -6.71 4.63
N ARG A 126 4.71 -6.86 5.94
CA ARG A 126 3.44 -7.33 6.49
C ARG A 126 2.33 -6.29 6.46
N ALA A 127 2.58 -5.18 5.78
CA ALA A 127 1.53 -4.19 5.59
C ALA A 127 0.51 -4.65 4.55
N ALA A 128 0.93 -5.53 3.65
CA ALA A 128 0.02 -5.95 2.57
C ALA A 128 -1.15 -6.76 3.15
N SER A 129 -0.84 -7.77 3.95
CA SER A 129 -1.88 -8.52 4.64
C SER A 129 -2.81 -7.58 5.38
N SER A 130 -2.23 -6.64 6.11
CA SER A 130 -3.00 -5.77 7.00
C SER A 130 -3.94 -4.82 6.27
N ILE A 131 -3.49 -4.25 5.15
CA ILE A 131 -4.36 -3.36 4.40
C ILE A 131 -5.52 -4.13 3.75
N LEU A 132 -5.24 -5.33 3.26
CA LEU A 132 -6.30 -6.18 2.72
C LEU A 132 -7.37 -6.45 3.80
N VAL A 133 -6.93 -6.81 5.00
CA VAL A 133 -7.88 -7.10 6.07
C VAL A 133 -8.70 -5.86 6.44
N GLY A 134 -8.03 -4.73 6.60
CA GLY A 134 -8.71 -3.46 6.88
C GLY A 134 -9.70 -3.10 5.79
N ALA A 135 -9.28 -3.26 4.54
CA ALA A 135 -10.17 -2.94 3.43
C ALA A 135 -11.38 -3.86 3.46
N MET A 136 -11.16 -5.10 3.88
CA MET A 136 -12.25 -6.09 3.88
C MET A 136 -13.32 -5.71 4.92
N PHE A 137 -12.91 -5.17 6.06
CA PHE A 137 -13.85 -4.65 7.06
C PHE A 137 -14.74 -3.58 6.48
N ILE A 138 -14.16 -2.75 5.64
CA ILE A 138 -14.89 -1.63 5.07
C ILE A 138 -15.78 -2.11 3.94
N PHE A 139 -15.23 -2.98 3.09
CA PHE A 139 -15.96 -3.53 1.97
C PHE A 139 -17.23 -4.25 2.44
N CYS A 140 -17.12 -4.97 3.55
CA CYS A 140 -18.23 -5.76 4.08
C CYS A 140 -19.11 -4.99 5.07
N ASN A 141 -18.91 -3.68 5.14
CA ASN A 141 -19.78 -2.80 5.92
C ASN A 141 -19.68 -2.99 7.41
N LEU A 142 -18.57 -3.55 7.88
CA LEU A 142 -18.35 -3.62 9.30
C LEU A 142 -18.11 -2.21 9.84
N TYR A 143 -17.42 -1.40 9.04
CA TYR A 143 -17.16 -0.01 9.39
C TYR A 143 -17.31 0.89 8.17
N SER A 144 -17.47 2.19 8.40
CA SER A 144 -17.67 3.13 7.32
C SER A 144 -16.58 4.18 7.25
N THR A 145 -15.74 4.22 8.29
CA THR A 145 -14.61 5.15 8.36
C THR A 145 -13.36 4.37 8.71
N PRO A 146 -12.18 4.88 8.30
CA PRO A 146 -10.93 4.13 8.40
C PRO A 146 -10.41 3.92 9.83
N GLY A 147 -10.62 4.90 10.70
CA GLY A 147 -10.13 4.79 12.06
C GLY A 147 -10.57 3.55 12.82
N PRO A 148 -11.89 3.30 12.88
CA PRO A 148 -12.38 2.13 13.61
C PRO A 148 -11.87 0.82 12.98
N ALA A 149 -11.84 0.76 11.65
CA ALA A 149 -11.27 -0.41 10.98
C ALA A 149 -9.81 -0.64 11.38
N VAL A 150 -9.01 0.42 11.37
CA VAL A 150 -7.59 0.31 11.68
C VAL A 150 -7.42 -0.12 13.12
N ARG A 151 -8.30 0.38 13.98
CA ARG A 151 -8.24 0.03 15.38
C ARG A 151 -8.55 -1.45 15.60
N LEU A 152 -9.57 -1.97 14.92
CA LEU A 152 -9.87 -3.39 15.04
C LEU A 152 -8.70 -4.21 14.51
N LEU A 153 -8.17 -3.78 13.38
CA LEU A 153 -7.02 -4.42 12.76
C LEU A 153 -5.82 -4.47 13.70
N TYR A 154 -5.44 -3.32 14.26
CA TYR A 154 -4.32 -3.26 15.18
C TYR A 154 -4.54 -4.15 16.40
N ALA A 155 -5.78 -4.25 16.86
CA ALA A 155 -6.06 -5.07 18.03
C ALA A 155 -5.97 -6.56 17.68
N LYS A 156 -6.18 -6.88 16.41
CA LYS A 156 -6.09 -8.27 15.95
C LYS A 156 -4.67 -8.62 15.48
N ARG A 157 -3.98 -7.65 14.89
CA ARG A 157 -2.64 -7.87 14.38
C ARG A 157 -1.66 -6.85 14.95
N PRO A 158 -1.41 -6.94 16.26
CA PRO A 158 -0.50 -6.00 16.92
C PRO A 158 0.91 -6.05 16.32
N GLY A 159 1.60 -4.92 16.33
CA GLY A 159 2.99 -4.88 15.89
C GLY A 159 3.21 -4.48 14.45
N ILE A 160 2.20 -4.67 13.60
CA ILE A 160 2.32 -4.30 12.19
C ILE A 160 1.58 -2.99 11.92
N GLY A 161 2.33 -1.93 11.68
CA GLY A 161 1.72 -0.64 11.40
C GLY A 161 1.39 -0.45 9.93
N LEU A 162 0.31 0.26 9.65
CA LEU A 162 0.02 0.68 8.27
C LEU A 162 0.75 1.98 8.00
N SER A 163 1.47 2.06 6.89
CA SER A 163 2.10 3.31 6.49
C SER A 163 0.99 4.33 6.22
N PRO A 164 1.35 5.63 6.15
CA PRO A 164 0.35 6.65 5.86
C PRO A 164 -0.33 6.42 4.49
N SER A 165 0.43 5.95 3.51
CA SER A 165 -0.20 5.61 2.23
C SER A 165 -1.25 4.50 2.35
N HIS A 166 -0.98 3.51 3.20
CA HIS A 166 -1.95 2.43 3.35
C HIS A 166 -3.21 2.97 3.99
N ARG A 167 -3.02 3.78 5.03
CA ARG A 167 -4.16 4.40 5.69
C ARG A 167 -4.94 5.31 4.74
N ARG A 168 -4.21 6.11 3.96
CA ARG A 168 -4.82 6.98 2.96
C ARG A 168 -5.70 6.16 2.00
N TYR A 169 -5.19 5.02 1.56
CA TYR A 169 -5.94 4.14 0.68
C TYR A 169 -7.18 3.50 1.34
N LEU A 170 -7.10 3.21 2.63
CA LEU A 170 -8.27 2.74 3.34
C LEU A 170 -9.29 3.87 3.40
N GLY A 171 -8.80 5.11 3.51
CA GLY A 171 -9.67 6.27 3.42
C GLY A 171 -10.38 6.32 2.07
N TYR A 172 -9.63 6.08 1.00
CA TYR A 172 -10.22 6.00 -0.33
C TYR A 172 -11.30 4.92 -0.42
N MET A 173 -11.05 3.75 0.18
CA MET A 173 -12.04 2.67 0.16
C MET A 173 -13.32 3.12 0.87
N CYS A 174 -13.17 3.80 2.01
CA CYS A 174 -14.35 4.29 2.73
C CYS A 174 -15.14 5.29 1.89
N ASP A 175 -14.45 6.20 1.19
CA ASP A 175 -15.12 7.17 0.33
C ASP A 175 -15.95 6.49 -0.74
N LEU A 176 -15.35 5.50 -1.40
CA LEU A 176 -16.02 4.77 -2.48
C LEU A 176 -17.24 4.02 -2.00
N LEU A 177 -17.16 3.54 -0.76
CA LEU A 177 -18.17 2.62 -0.25
C LEU A 177 -19.11 3.32 0.71
N ALA A 178 -19.01 4.64 0.83
CA ALA A 178 -19.88 5.37 1.76
C ALA A 178 -21.36 5.27 1.37
N ASP A 179 -22.24 5.60 2.32
CA ASP A 179 -23.69 5.55 2.06
C ASP A 179 -24.02 6.36 0.82
N LYS A 180 -23.42 7.54 0.72
CA LYS A 180 -23.39 8.27 -0.54
C LYS A 180 -21.99 8.21 -1.11
N PRO A 181 -21.76 7.34 -2.11
CA PRO A 181 -20.39 7.03 -2.52
C PRO A 181 -19.72 8.15 -3.32
N TYR A 182 -18.45 8.38 -3.04
CA TYR A 182 -17.65 9.31 -3.84
C TYR A 182 -17.39 8.72 -5.22
N ARG A 183 -17.52 9.54 -6.26
CA ARG A 183 -17.17 9.15 -7.62
C ARG A 183 -15.86 9.82 -8.02
N PRO A 184 -14.77 9.06 -8.09
CA PRO A 184 -13.46 9.61 -8.48
C PRO A 184 -13.52 10.22 -9.86
N HIS A 185 -12.97 11.41 -10.02
CA HIS A 185 -12.95 12.06 -11.33
C HIS A 185 -11.83 11.46 -12.19
N PHE A 186 -11.80 11.87 -13.46
CA PHE A 186 -10.87 11.29 -14.41
C PHE A 186 -9.87 12.31 -14.97
N LYS A 187 -9.76 13.46 -14.31
CA LYS A 187 -8.82 14.49 -14.75
C LYS A 187 -7.39 14.08 -14.45
N PRO A 188 -6.50 14.19 -15.44
CA PRO A 188 -5.07 13.95 -15.19
C PRO A 188 -4.50 15.08 -14.34
N LEU A 189 -3.46 14.74 -13.58
CA LEU A 189 -2.81 15.71 -12.70
C LEU A 189 -1.42 16.03 -13.21
N THR A 190 -1.15 17.30 -13.43
CA THR A 190 0.20 17.70 -13.82
C THR A 190 0.98 18.02 -12.56
N ILE A 191 2.07 17.30 -12.34
CA ILE A 191 2.97 17.59 -11.23
C ILE A 191 4.12 18.42 -11.80
N LYS A 192 4.12 19.71 -11.46
CA LYS A 192 5.05 20.65 -12.03
C LYS A 192 6.42 20.50 -11.39
N SER A 193 6.43 20.19 -10.10
CA SER A 193 7.69 20.11 -9.36
C SER A 193 7.48 19.51 -7.98
N ILE A 194 8.59 19.16 -7.34
CA ILE A 194 8.56 18.71 -5.96
C ILE A 194 9.53 19.58 -5.15
N THR A 195 9.15 19.92 -3.92
CA THR A 195 10.05 20.68 -3.06
C THR A 195 10.15 19.97 -1.72
N VAL A 196 11.38 19.70 -1.29
CA VAL A 196 11.64 19.01 -0.03
C VAL A 196 12.43 19.95 0.87
N SER A 197 11.99 20.12 2.11
CA SER A 197 12.69 21.02 3.03
C SER A 197 12.38 20.66 4.47
N PRO A 198 13.32 20.93 5.40
CA PRO A 198 14.71 21.31 5.11
C PRO A 198 15.46 20.14 4.46
N VAL A 199 16.74 20.35 4.19
CA VAL A 199 17.56 19.33 3.57
C VAL A 199 17.83 18.22 4.60
N PRO A 200 17.60 16.95 4.21
CA PRO A 200 17.82 15.84 5.17
C PRO A 200 19.25 15.29 5.16
N PHE A 201 19.53 14.37 6.09
CA PHE A 201 20.91 13.99 6.43
C PHE A 201 21.22 12.55 6.04
N PHE A 202 21.64 12.34 4.79
CA PHE A 202 21.82 10.98 4.28
C PHE A 202 23.24 10.65 3.86
N ASN A 203 24.08 11.66 3.68
CA ASN A 203 25.47 11.38 3.34
C ASN A 203 26.23 10.88 4.57
N LYS A 204 27.48 10.51 4.39
CA LYS A 204 28.28 9.89 5.45
C LYS A 204 28.45 10.81 6.64
N GLN A 205 28.64 12.09 6.35
CA GLN A 205 28.88 13.08 7.38
C GLN A 205 27.56 13.56 8.00
N ARG A 206 26.44 13.04 7.52
CA ARG A 206 25.12 13.39 8.08
C ARG A 206 24.82 14.90 8.05
N ASN A 207 25.16 15.55 6.95
CA ASN A 207 24.89 16.97 6.85
C ASN A 207 24.31 17.35 5.49
N GLY A 208 23.78 16.36 4.77
CA GLY A 208 23.21 16.64 3.46
C GLY A 208 22.90 15.37 2.70
N CYS A 209 22.62 15.51 1.41
CA CYS A 209 22.24 14.38 0.59
C CYS A 209 22.46 14.67 -0.90
N ARG A 210 22.33 13.61 -1.68
CA ARG A 210 22.50 13.69 -3.13
C ARG A 210 21.25 13.03 -3.73
N PRO A 211 20.16 13.80 -3.87
CA PRO A 211 18.85 13.16 -4.08
C PRO A 211 18.41 13.02 -5.53
N TYR A 212 17.63 11.97 -5.80
CA TYR A 212 16.89 11.88 -7.05
C TYR A 212 15.46 11.41 -6.77
N CYS A 213 14.56 11.69 -7.70
CA CYS A 213 13.17 11.36 -7.52
C CYS A 213 12.67 10.40 -8.63
N ASP A 214 11.86 9.40 -8.24
CA ASP A 214 11.13 8.56 -9.19
C ASP A 214 9.64 8.86 -9.07
N VAL A 215 8.95 8.81 -10.19
CA VAL A 215 7.50 8.88 -10.23
C VAL A 215 6.99 7.63 -10.94
N LEU A 216 6.08 6.91 -10.29
CA LEU A 216 5.50 5.70 -10.87
C LEU A 216 3.97 5.79 -10.96
N ILE A 217 3.40 5.02 -11.88
CA ILE A 217 1.97 4.77 -11.89
C ILE A 217 1.78 3.27 -11.70
N GLY A 218 1.06 2.89 -10.66
CA GLY A 218 1.01 1.50 -10.26
C GLY A 218 2.43 1.12 -9.88
N GLU A 219 3.01 0.14 -10.58
CA GLU A 219 4.39 -0.25 -10.33
C GLU A 219 5.28 0.15 -11.51
N THR A 220 4.69 0.87 -12.46
CA THR A 220 5.41 1.28 -13.65
C THR A 220 6.09 2.64 -13.45
N LYS A 221 7.41 2.64 -13.48
CA LYS A 221 8.15 3.89 -13.41
C LYS A 221 7.96 4.69 -14.69
N ILE A 222 7.51 5.93 -14.57
CA ILE A 222 7.32 6.74 -15.78
C ILE A 222 8.33 7.90 -15.90
N TYR A 223 9.00 8.25 -14.81
CA TYR A 223 9.98 9.33 -14.87
C TYR A 223 10.97 9.20 -13.72
N THR A 224 12.22 9.55 -13.98
CA THR A 224 13.23 9.67 -12.93
C THR A 224 14.12 10.87 -13.19
N THR A 225 14.60 11.52 -12.13
CA THR A 225 15.54 12.62 -12.30
C THR A 225 16.94 12.06 -12.14
N CYS A 226 17.02 10.76 -11.81
CA CYS A 226 18.32 10.13 -11.59
C CYS A 226 19.18 10.16 -12.84
N ALA A 227 20.42 10.59 -12.69
CA ALA A 227 21.37 10.59 -13.78
C ALA A 227 22.71 10.06 -13.29
N ASP A 228 23.74 10.20 -14.12
CA ASP A 228 25.06 9.79 -13.71
C ASP A 228 25.39 10.39 -12.35
N PHE A 229 26.00 9.59 -11.49
CA PHE A 229 26.37 9.99 -10.14
C PHE A 229 27.03 11.36 -10.08
N GLU A 230 27.97 11.61 -10.99
CA GLU A 230 28.77 12.84 -10.96
C GLU A 230 27.96 14.05 -11.40
N ARG A 231 26.89 13.82 -12.14
CA ARG A 231 25.98 14.91 -12.55
C ARG A 231 25.05 15.34 -11.40
N MET A 232 24.83 14.45 -10.46
CA MET A 232 23.85 14.68 -9.40
C MET A 232 24.28 15.79 -8.45
N LYS A 233 23.44 16.81 -8.33
CA LYS A 233 23.70 17.88 -7.38
C LYS A 233 23.68 17.38 -5.92
N GLU A 234 24.64 17.85 -5.14
CA GLU A 234 24.69 17.56 -3.71
C GLU A 234 24.10 18.74 -2.93
N TYR A 235 23.31 18.46 -1.90
CA TYR A 235 22.71 19.53 -1.09
C TYR A 235 23.23 19.49 0.33
N ARG A 236 23.46 20.68 0.89
CA ARG A 236 23.90 20.83 2.27
C ARG A 236 22.86 21.70 2.97
N VAL A 237 23.00 21.87 4.27
CA VAL A 237 22.04 22.65 5.06
C VAL A 237 21.74 24.02 4.45
N GLN A 238 22.77 24.70 3.97
CA GLN A 238 22.60 26.06 3.49
C GLN A 238 21.82 26.14 2.17
N ASP A 239 21.75 25.06 1.41
CA ASP A 239 20.92 25.04 0.20
C ASP A 239 19.47 25.26 0.56
N GLY A 240 19.12 24.93 1.81
CA GLY A 240 17.81 25.26 2.33
C GLY A 240 16.69 24.31 1.95
N LYS A 241 16.62 23.95 0.67
CA LYS A 241 15.56 23.06 0.21
C LYS A 241 16.01 22.38 -1.06
N ILE A 242 15.34 21.29 -1.39
CA ILE A 242 15.60 20.62 -2.65
C ILE A 242 14.41 20.92 -3.57
N PHE A 243 14.66 21.59 -4.69
CA PHE A 243 13.59 21.97 -5.63
C PHE A 243 13.83 21.32 -6.98
N ILE A 244 12.94 20.40 -7.36
CA ILE A 244 13.12 19.62 -8.58
C ILE A 244 11.87 19.72 -9.45
N PRO A 245 11.98 20.53 -10.52
CA PRO A 245 10.94 20.57 -11.56
C PRO A 245 10.80 19.19 -12.20
N LEU A 246 9.56 18.76 -12.45
CA LEU A 246 9.29 17.41 -12.94
C LEU A 246 8.58 17.46 -14.30
N SER A 247 7.50 18.24 -14.38
CA SER A 247 6.78 18.40 -15.64
C SER A 247 6.18 17.09 -16.13
N ILE A 248 5.49 16.37 -15.25
CA ILE A 248 4.89 15.11 -15.66
C ILE A 248 3.40 15.13 -15.36
N THR A 249 2.62 14.57 -16.28
CA THR A 249 1.18 14.56 -16.12
C THR A 249 0.74 13.12 -15.93
N VAL A 250 0.02 12.84 -14.85
CA VAL A 250 -0.30 11.46 -14.47
C VAL A 250 -1.77 11.31 -14.13
N GLN A 251 -2.30 10.08 -14.23
CA GLN A 251 -3.67 9.78 -13.86
C GLN A 251 -3.72 8.44 -13.14
N GLY A 252 -4.48 8.36 -12.05
CA GLY A 252 -4.61 7.10 -11.33
C GLY A 252 -3.75 7.00 -10.08
N ASP A 253 -3.20 5.81 -9.84
CA ASP A 253 -2.42 5.51 -8.65
C ASP A 253 -0.98 5.99 -8.82
N VAL A 254 -0.63 7.06 -8.12
CA VAL A 254 0.69 7.68 -8.26
C VAL A 254 1.57 7.35 -7.07
N VAL A 255 2.81 6.99 -7.35
CA VAL A 255 3.85 6.88 -6.33
C VAL A 255 4.96 7.91 -6.63
N VAL A 256 5.36 8.67 -5.62
CA VAL A 256 6.47 9.61 -5.76
C VAL A 256 7.49 9.26 -4.70
N SER A 257 8.73 9.01 -5.11
CA SER A 257 9.76 8.59 -4.16
C SER A 257 11.03 9.41 -4.31
N MET A 258 11.77 9.56 -3.23
CA MET A 258 13.07 10.21 -3.32
C MET A 258 14.16 9.35 -2.66
N TYR A 259 15.33 9.31 -3.28
CA TYR A 259 16.43 8.51 -2.74
C TYR A 259 17.68 9.32 -2.65
N HIS A 260 18.57 8.89 -1.75
CA HIS A 260 19.92 9.40 -1.70
C HIS A 260 20.84 8.44 -2.46
N LEU A 261 21.66 9.01 -3.32
CA LEU A 261 22.55 8.23 -4.16
C LEU A 261 23.93 8.21 -3.53
N ARG A 262 24.52 7.03 -3.39
CA ARG A 262 25.82 6.88 -2.75
C ARG A 262 26.77 6.05 -3.63
N SER A 263 28.04 6.42 -3.60
CA SER A 263 29.07 5.71 -4.36
C SER A 263 30.14 5.15 -3.43
N THR A 264 30.43 3.85 -3.59
CA THR A 264 31.45 3.18 -2.78
C THR A 264 32.40 2.44 -3.71
N ILE A 265 33.67 2.39 -3.33
CA ILE A 265 34.66 1.59 -4.05
C ILE A 265 34.46 0.11 -3.75
N GLY A 266 34.15 -0.68 -4.78
CA GLY A 266 33.93 -2.11 -4.62
C GLY A 266 35.19 -2.94 -4.84
N SER A 267 35.04 -4.26 -4.78
CA SER A 267 36.12 -5.15 -5.18
C SER A 267 36.24 -5.04 -6.69
N ARG A 268 37.48 -5.00 -7.19
CA ARG A 268 37.75 -4.64 -8.58
C ARG A 268 37.91 -3.13 -8.68
N LEU A 269 37.64 -2.45 -7.57
CA LEU A 269 37.81 -1.00 -7.47
C LEU A 269 36.79 -0.24 -8.31
N GLN A 270 35.72 -0.91 -8.73
CA GLN A 270 34.61 -0.20 -9.41
C GLN A 270 33.77 0.62 -8.44
N ALA A 271 33.15 1.68 -8.95
CA ALA A 271 32.19 2.46 -8.18
C ALA A 271 30.89 1.68 -8.01
N LYS A 272 30.64 1.19 -6.81
CA LYS A 272 29.34 0.58 -6.50
C LYS A 272 28.38 1.70 -6.09
N VAL A 273 27.36 1.94 -6.92
CA VAL A 273 26.37 2.96 -6.63
C VAL A 273 25.12 2.34 -6.02
N THR A 274 24.78 2.79 -4.81
CA THR A 274 23.58 2.35 -4.14
C THR A 274 22.67 3.54 -3.85
N ASN A 275 21.45 3.23 -3.45
CA ASN A 275 20.52 4.29 -3.11
C ASN A 275 19.88 3.97 -1.78
N THR A 276 19.61 5.02 -1.01
CA THR A 276 18.92 4.84 0.25
C THR A 276 17.66 5.68 0.17
N GLN A 277 16.51 5.06 0.44
CA GLN A 277 15.25 5.79 0.31
C GLN A 277 15.09 6.86 1.38
N ILE A 278 14.62 8.03 0.96
CA ILE A 278 14.41 9.14 1.88
C ILE A 278 12.94 9.20 2.23
N PHE A 279 12.08 9.01 1.25
CA PHE A 279 10.66 8.86 1.52
C PHE A 279 9.94 8.33 0.30
N GLN A 280 8.67 8.00 0.52
CA GLN A 280 7.79 7.60 -0.55
C GLN A 280 6.41 8.11 -0.17
N LEU A 281 5.57 8.36 -1.14
CA LEU A 281 4.21 8.79 -0.88
C LEU A 281 3.33 8.34 -2.03
N GLN A 282 2.06 8.08 -1.73
CA GLN A 282 1.11 7.63 -2.74
C GLN A 282 -0.19 8.37 -2.61
N PHE A 283 -0.84 8.56 -3.75
CA PHE A 283 -2.18 9.11 -3.77
C PHE A 283 -2.85 8.69 -5.07
N HIS A 284 -4.16 8.88 -5.19
CA HIS A 284 -4.85 8.58 -6.42
C HIS A 284 -5.46 9.87 -6.96
N THR A 285 -5.16 10.21 -8.21
CA THR A 285 -5.53 11.53 -8.72
C THR A 285 -7.04 11.78 -8.69
N GLY A 286 -7.81 10.71 -8.79
CA GLY A 286 -9.25 10.85 -8.87
C GLY A 286 -9.85 11.34 -7.57
N PHE A 287 -9.06 11.27 -6.50
CA PHE A 287 -9.49 11.73 -5.18
C PHE A 287 -8.95 13.12 -4.80
N ILE A 288 -8.23 13.75 -5.72
CA ILE A 288 -7.72 15.10 -5.47
C ILE A 288 -8.77 16.13 -5.91
N PRO A 289 -9.17 17.03 -5.01
CA PRO A 289 -10.18 18.03 -5.40
C PRO A 289 -9.69 18.87 -6.58
N LEU A 290 -10.63 19.24 -7.46
CA LEU A 290 -10.32 19.80 -8.77
C LEU A 290 -9.57 21.12 -8.77
N ASP A 291 -9.73 21.89 -7.69
CA ASP A 291 -9.06 23.18 -7.60
C ASP A 291 -7.71 23.12 -6.86
N THR A 292 -7.22 21.92 -6.56
CA THR A 292 -5.93 21.78 -5.86
C THR A 292 -4.75 22.28 -6.70
N THR A 293 -3.89 23.07 -6.08
CA THR A 293 -2.63 23.51 -6.70
C THR A 293 -1.40 23.09 -5.90
N VAL A 294 -1.60 22.63 -4.67
CA VAL A 294 -0.48 22.15 -3.87
C VAL A 294 -0.90 20.89 -3.10
N LEU A 295 -0.02 19.89 -3.11
CA LEU A 295 -0.17 18.72 -2.24
C LEU A 295 0.97 18.76 -1.23
N LYS A 296 0.65 18.72 0.06
CA LYS A 296 1.68 18.86 1.09
C LYS A 296 1.68 17.64 2.00
N PHE A 297 2.86 17.12 2.27
CA PHE A 297 3.01 15.95 3.13
C PHE A 297 4.04 16.25 4.21
N THR A 298 3.61 16.29 5.46
CA THR A 298 4.57 16.42 6.56
C THR A 298 5.18 15.05 6.80
N LYS A 299 6.20 14.99 7.65
CA LYS A 299 6.90 13.75 7.96
C LYS A 299 5.98 12.59 8.39
N PRO A 300 5.02 12.83 9.31
CA PRO A 300 4.05 11.79 9.68
C PRO A 300 3.22 11.25 8.50
N GLU A 301 3.19 11.98 7.40
CA GLU A 301 2.34 11.58 6.27
C GLU A 301 3.15 10.93 5.15
N LEU A 302 4.42 10.63 5.42
CA LEU A 302 5.29 10.03 4.42
C LEU A 302 5.53 8.57 4.77
N ASP A 303 5.80 7.73 3.76
CA ASP A 303 6.17 6.33 4.00
C ASP A 303 7.65 6.11 3.86
N ALA A 304 8.11 4.96 4.33
CA ALA A 304 9.41 4.42 3.99
C ALA A 304 10.55 5.32 4.42
N CYS A 305 10.37 6.04 5.52
CA CYS A 305 11.44 6.85 6.06
C CYS A 305 12.48 6.01 6.78
N ASP A 306 13.72 6.49 6.74
CA ASP A 306 14.81 5.90 7.45
C ASP A 306 14.70 6.32 8.94
N VAL A 307 15.73 6.09 9.73
CA VAL A 307 15.70 6.49 11.15
C VAL A 307 15.50 8.01 11.33
N PRO A 308 14.76 8.42 12.37
CA PRO A 308 14.35 9.82 12.56
C PRO A 308 15.49 10.82 12.65
N GLU A 309 16.68 10.37 13.03
CA GLU A 309 17.84 11.24 13.18
C GLU A 309 18.37 11.73 11.85
N LYS A 310 17.91 11.15 10.76
CA LYS A 310 18.40 11.56 9.45
C LYS A 310 17.50 12.66 8.86
N TYR A 311 16.52 13.09 9.63
CA TYR A 311 15.58 14.10 9.17
C TYR A 311 15.62 15.35 10.04
N PRO A 312 15.54 16.54 9.39
CA PRO A 312 15.50 17.81 10.12
C PRO A 312 14.13 17.97 10.75
N GLN A 313 13.99 18.91 11.66
CA GLN A 313 12.68 19.20 12.22
C GLN A 313 11.74 19.76 11.16
N LEU A 314 10.45 19.45 11.30
CA LEU A 314 9.41 19.99 10.42
C LEU A 314 9.65 19.62 8.94
N PHE A 315 10.36 18.51 8.72
CA PHE A 315 10.59 18.00 7.38
C PHE A 315 9.27 17.90 6.64
N GLN A 316 9.25 18.35 5.40
CA GLN A 316 8.03 18.29 4.62
C GLN A 316 8.34 18.22 3.13
N VAL A 317 7.34 17.78 2.38
CA VAL A 317 7.43 17.61 0.96
C VAL A 317 6.20 18.24 0.35
N THR A 318 6.36 19.08 -0.65
CA THR A 318 5.19 19.61 -1.33
C THR A 318 5.32 19.38 -2.82
N LEU A 319 4.17 19.24 -3.47
CA LEU A 319 4.12 19.06 -4.89
C LEU A 319 3.33 20.22 -5.44
N ASP A 320 3.88 20.89 -6.44
CA ASP A 320 3.15 21.96 -7.12
C ASP A 320 2.41 21.32 -8.31
N VAL A 321 1.07 21.39 -8.32
CA VAL A 321 0.29 20.58 -9.25
C VAL A 321 -0.87 21.35 -9.83
N GLU A 322 -1.48 20.77 -10.85
CA GLU A 322 -2.68 21.31 -11.47
C GLU A 322 -3.46 20.20 -12.17
N LEU A 323 -4.75 20.09 -11.88
CA LEU A 323 -5.61 19.15 -12.58
C LEU A 323 -5.98 19.71 -13.94
N GLN A 324 -5.92 18.85 -14.95
CA GLN A 324 -6.23 19.25 -16.32
C GLN A 324 -7.75 19.29 -16.54
N PRO A 325 -8.22 19.97 -17.59
CA PRO A 325 -9.67 20.15 -17.79
C PRO A 325 -10.41 18.96 -18.40
N HIS A 326 -9.73 18.13 -19.18
CA HIS A 326 -10.43 17.06 -19.88
C HIS A 326 -10.23 15.69 -19.25
N ASP A 327 -11.30 14.89 -19.21
CA ASP A 327 -11.20 13.51 -18.74
C ASP A 327 -10.15 12.77 -19.55
N LYS A 328 -9.46 11.84 -18.91
CA LYS A 328 -8.60 10.91 -19.62
C LYS A 328 -9.47 9.77 -20.14
N VAL A 329 -9.18 9.30 -21.35
CA VAL A 329 -9.92 8.17 -21.91
C VAL A 329 -9.37 6.88 -21.32
N MET A 330 -10.22 6.16 -20.59
CA MET A 330 -9.78 5.00 -19.81
C MET A 330 -9.82 3.68 -20.57
N GLU A 331 -8.72 2.93 -20.50
CA GLU A 331 -8.62 1.63 -21.14
C GLU A 331 -9.52 0.62 -20.43
N LEU A 332 -9.39 0.57 -19.11
CA LEU A 332 -10.16 -0.36 -18.29
C LEU A 332 -11.00 0.42 -17.28
N THR A 333 -12.22 -0.04 -17.04
CA THR A 333 -13.05 0.59 -16.01
C THR A 333 -12.80 -0.09 -14.66
N PRO A 334 -12.74 0.72 -13.59
CA PRO A 334 -12.47 0.27 -12.23
C PRO A 334 -13.61 -0.58 -11.70
N PRO A 335 -13.31 -1.56 -10.84
CA PRO A 335 -14.37 -2.48 -10.43
C PRO A 335 -15.46 -1.83 -9.56
N TRP A 336 -15.17 -0.71 -8.89
CA TRP A 336 -16.20 -0.05 -8.08
C TRP A 336 -17.34 0.54 -8.91
N GLU A 337 -17.10 0.74 -10.20
CA GLU A 337 -18.13 1.31 -11.08
C GLU A 337 -19.23 0.29 -11.36
N HIS A 338 -18.88 -0.99 -11.26
CA HIS A 338 -19.89 -2.03 -11.42
C HIS A 338 -20.14 -2.81 -10.16
N TYR A 339 -20.24 -2.08 -9.06
CA TYR A 339 -20.45 -2.69 -7.78
C TYR A 339 -21.06 -1.73 -6.78
N CYS A 340 -22.05 -2.21 -6.06
CA CYS A 340 -22.68 -1.47 -4.99
C CYS A 340 -22.66 -2.32 -3.71
N THR A 341 -22.09 -1.78 -2.62
CA THR A 341 -21.96 -2.52 -1.35
C THR A 341 -23.13 -2.29 -0.43
N LYS A 342 -24.05 -1.44 -0.87
CA LYS A 342 -25.19 -1.08 -0.04
C LYS A 342 -25.80 -2.26 0.70
N ASP A 343 -25.96 -3.39 -0.01
CA ASP A 343 -26.67 -4.54 0.54
C ASP A 343 -25.77 -5.47 1.39
N VAL A 344 -24.47 -5.23 1.38
CA VAL A 344 -23.53 -6.13 2.05
C VAL A 344 -23.64 -6.15 3.58
N ASN A 345 -23.78 -7.36 4.12
CA ASN A 345 -23.91 -7.58 5.56
C ASN A 345 -22.58 -8.09 6.14
N PRO A 346 -22.07 -7.38 7.16
CA PRO A 346 -20.79 -7.74 7.80
C PRO A 346 -20.84 -9.09 8.50
N SER A 347 -22.04 -9.66 8.68
CA SER A 347 -22.14 -10.98 9.28
C SER A 347 -21.32 -11.99 8.46
N ILE A 348 -21.15 -11.71 7.17
CA ILE A 348 -20.37 -12.57 6.27
C ILE A 348 -18.96 -12.87 6.80
N LEU A 349 -18.42 -11.98 7.63
CA LEU A 349 -17.05 -12.16 8.13
C LEU A 349 -16.98 -13.17 9.28
N PHE A 350 -18.13 -13.54 9.81
CA PHE A 350 -18.16 -14.31 11.03
C PHE A 350 -18.91 -15.62 10.85
N SER A 351 -18.76 -16.52 11.82
CA SER A 351 -19.39 -17.82 11.76
C SER A 351 -20.61 -17.91 12.68
N SER A 352 -20.87 -16.82 13.42
CA SER A 352 -22.05 -16.76 14.27
C SER A 352 -22.32 -15.32 14.70
N HIS A 353 -23.57 -15.03 15.06
CA HIS A 353 -23.96 -13.73 15.58
C HIS A 353 -23.13 -13.36 16.78
N GLN A 354 -22.88 -14.35 17.63
CA GLN A 354 -22.14 -14.11 18.85
C GLN A 354 -20.72 -13.63 18.56
N GLU A 355 -20.08 -14.23 17.57
CA GLU A 355 -18.71 -13.84 17.23
C GLU A 355 -18.77 -12.42 16.73
N HIS A 356 -19.74 -12.16 15.87
CA HIS A 356 -19.97 -10.84 15.32
C HIS A 356 -20.13 -9.81 16.44
N GLN A 357 -21.13 -10.01 17.30
CA GLN A 357 -21.39 -9.05 18.38
C GLN A 357 -20.17 -8.87 19.28
N ASP A 358 -19.49 -9.96 19.61
CA ASP A 358 -18.26 -9.86 20.41
C ASP A 358 -17.23 -8.94 19.79
N THR A 359 -17.06 -9.02 18.46
CA THR A 359 -16.04 -8.26 17.76
C THR A 359 -16.27 -6.76 17.86
N LEU A 360 -17.53 -6.37 17.95
CA LEU A 360 -17.90 -4.97 18.12
C LEU A 360 -17.76 -4.55 19.58
CA CA B . -20.49 1.02 3.16
CL CL C . 25.93 14.19 -0.51
CL CL D . 27.08 9.41 0.69
#